data_9OKZ
#
_entry.id   9OKZ
#
_cell.length_a   42.502
_cell.length_b   42.502
_cell.length_c   122.713
_cell.angle_alpha   90.000
_cell.angle_beta   90.000
_cell.angle_gamma   120.000
#
_symmetry.space_group_name_H-M   'P 31'
#
loop_
_entity.id
_entity.type
_entity.pdbx_description
1 polymer "DNA/RNA (5'-R(*AP*GP*AP*GP*AP*A)-D(P*G)-R(P*AP*UP*(RSP)P*UP*UP*CP*UP*CP*U)-3')"
2 non-polymer 'MANGANESE (II) ION'
3 water water
#
_entity_poly.entity_id   1
_entity_poly.type   'polydeoxyribonucleotide/polyribonucleotide hybrid'
_entity_poly.pdbx_seq_one_letter_code
;AGAGAA(DG)AU(RSP)UUCUCU
;
_entity_poly.pdbx_strand_id   A,B,C,D,E,F
#
loop_
_chem_comp.id
_chem_comp.type
_chem_comp.name
_chem_comp.formula
A RNA linking ADENOSINE-5'-MONOPHOSPHATE 'C10 H14 N5 O7 P'
C RNA linking CYTIDINE-5'-MONOPHOSPHATE 'C9 H14 N3 O8 P'
DG DNA linking 2'-DEOXYGUANOSINE-5'-MONOPHOSPHATE 'C10 H14 N5 O7 P'
G RNA linking GUANOSINE-5'-MONOPHOSPHATE 'C10 H14 N5 O8 P'
MN non-polymer 'MANGANESE (II) ION' 'Mn 2'
RSP RNA linking 4-amino-1-(5-O-phosphono-beta-D-ribofuranosyl)pyrimidine-2(1H)-thione 'C9 H14 N3 O7 P S'
U RNA linking URIDINE-5'-MONOPHOSPHATE 'C9 H13 N2 O9 P'
#
# COMPACT_ATOMS: atom_id res chain seq x y z
P RSP A 10 12.15 0.71 17.08
N1 RSP A 10 10.30 -2.95 13.73
C2 RSP A 10 9.44 -4.01 13.18
S2 RSP A 10 9.71 -4.52 11.66
N3 RSP A 10 8.35 -4.43 13.88
C4 RSP A 10 8.12 -3.97 15.21
N4 RSP A 10 7.06 -4.50 15.95
C5 RSP A 10 8.95 -2.94 15.85
C6 RSP A 10 10.05 -2.43 15.07
C1' RSP A 10 11.43 -2.49 12.95
C2' RSP A 10 11.08 -1.34 11.94
O2' RSP A 10 11.97 -1.44 10.92
C3' RSP A 10 11.38 -0.23 12.87
O3' RSP A 10 11.45 0.96 12.12
C4' RSP A 10 12.60 -0.52 13.44
O4' RSP A 10 12.39 -2.01 13.77
C5' RSP A 10 12.96 0.20 14.72
O5' RSP A 10 11.88 0.19 15.58
OP1 RSP A 10 12.85 2.01 16.91
OP2 RSP A 10 10.81 0.66 17.74
P RSP B 10 14.46 -15.04 14.55
N1 RSP B 10 13.49 -12.04 19.06
C2 RSP B 10 12.94 -11.40 20.28
S2 RSP B 10 13.84 -10.48 21.23
N3 RSP B 10 11.66 -11.63 20.62
C4 RSP B 10 10.79 -12.44 19.82
N4 RSP B 10 9.44 -12.61 20.28
C5 RSP B 10 11.26 -13.10 18.60
C6 RSP B 10 12.68 -12.89 18.24
C1' RSP B 10 14.91 -11.77 18.74
C2' RSP B 10 15.80 -12.74 19.59
O2' RSP B 10 16.90 -12.05 19.96
C3' RSP B 10 16.10 -13.81 18.58
O3' RSP B 10 17.23 -14.52 19.06
C4' RSP B 10 16.33 -13.08 17.44
O4' RSP B 10 15.24 -11.94 17.51
C5' RSP B 10 16.20 -13.81 16.13
O5' RSP B 10 15.00 -14.55 15.98
OP1 RSP B 10 15.35 -15.94 13.77
OP2 RSP B 10 13.16 -15.60 15.04
P RSP C 10 5.85 2.89 -13.70
N1 RSP C 10 8.99 6.74 -12.19
C2 RSP C 10 9.53 7.75 -11.27
S2 RSP C 10 10.93 8.48 -11.57
N3 RSP C 10 8.87 8.02 -10.13
C4 RSP C 10 7.64 7.39 -9.83
N4 RSP C 10 6.95 7.69 -8.65
C5 RSP C 10 7.05 6.35 -10.67
C6 RSP C 10 7.77 6.03 -11.90
C1' RSP C 10 9.67 6.46 -13.43
C2' RSP C 10 10.79 5.45 -13.20
O2' RSP C 10 11.76 5.87 -14.05
C3' RSP C 10 10.11 4.16 -13.52
O3' RSP C 10 11.19 3.26 -13.78
C4' RSP C 10 9.34 4.46 -14.62
O4' RSP C 10 8.85 5.94 -14.29
C5' RSP C 10 8.16 3.57 -14.91
O5' RSP C 10 7.38 3.36 -13.78
OP1 RSP C 10 5.59 1.50 -14.19
OP2 RSP C 10 5.38 3.21 -12.32
P RSP D 10 7.54 19.18 -15.81
N1 RSP D 10 3.53 15.72 -15.41
C2 RSP D 10 2.45 14.91 -14.87
S2 RSP D 10 1.53 14.07 -15.90
N3 RSP D 10 2.27 14.86 -13.53
C4 RSP D 10 3.10 15.56 -12.59
N4 RSP D 10 2.84 15.52 -11.19
C5 RSP D 10 4.19 16.43 -13.09
C6 RSP D 10 4.39 16.48 -14.53
C1' RSP D 10 3.77 15.77 -16.85
C2' RSP D 10 2.80 16.79 -17.52
O2' RSP D 10 2.47 16.30 -18.74
C3' RSP D 10 3.70 17.99 -17.59
O3' RSP D 10 3.12 18.87 -18.54
C4' RSP D 10 4.89 17.47 -18.01
O4' RSP D 10 4.99 16.17 -17.12
C5' RSP D 10 6.09 18.31 -17.78
O5' RSP D 10 6.23 18.50 -16.43
OP1 RSP D 10 7.97 20.38 -16.60
OP2 RSP D 10 7.14 19.37 -14.39
P RSP E 10 -20.13 4.46 -6.66
N1 RSP E 10 -21.33 1.80 -2.12
C2 RSP E 10 -21.33 1.50 -0.68
S2 RSP E 10 -22.50 0.58 -0.16
N3 RSP E 10 -20.40 2.02 0.14
C4 RSP E 10 -19.33 2.82 -0.40
N4 RSP E 10 -18.28 3.41 0.38
C5 RSP E 10 -19.29 3.17 -1.80
C6 RSP E 10 -20.33 2.64 -2.68
C1' RSP E 10 -22.35 1.26 -2.97
C2' RSP E 10 -23.63 2.16 -2.82
O2' RSP E 10 -24.74 1.37 -2.92
C3' RSP E 10 -23.41 3.12 -3.93
O3' RSP E 10 -24.68 3.68 -4.19
C4' RSP E 10 -22.95 2.32 -4.93
O4' RSP E 10 -21.96 1.31 -4.21
C5' RSP E 10 -22.23 2.99 -6.05
O5' RSP E 10 -21.16 3.78 -5.64
OP1 RSP E 10 -20.90 5.15 -7.73
OP2 RSP E 10 -19.24 5.36 -5.87
P RSP F 10 -18.03 -10.18 0.09
N1 RSP F 10 -15.38 -6.82 -2.74
C2 RSP F 10 -14.41 -5.76 -3.04
S2 RSP F 10 -14.17 -5.42 -4.57
N3 RSP F 10 -13.76 -5.10 -2.04
C4 RSP F 10 -14.03 -5.46 -0.68
N4 RSP F 10 -13.38 -4.81 0.41
C5 RSP F 10 -14.99 -6.53 -0.31
C6 RSP F 10 -15.67 -7.23 -1.41
C1' RSP F 10 -16.10 -7.42 -3.85
C2' RSP F 10 -15.28 -8.59 -4.45
O2' RSP F 10 -15.68 -8.63 -5.76
C3' RSP F 10 -15.75 -9.74 -3.63
O3' RSP F 10 -15.44 -10.95 -4.31
C4' RSP F 10 -17.09 -9.50 -3.56
O4' RSP F 10 -17.23 -7.92 -3.41
C5' RSP F 10 -17.84 -10.15 -2.46
O5' RSP F 10 -17.28 -9.80 -1.26
OP1 RSP F 10 -18.51 -11.60 0.02
OP2 RSP F 10 -17.07 -9.83 1.17
MN MN G . 4.57 -36.38 26.54
MN MN H . -11.82 -9.80 3.93
#